data_9H30
#
_entry.id   9H30
#
_cell.length_a   65.461
_cell.length_b   67.043
_cell.length_c   101.845
_cell.angle_alpha   90.000
_cell.angle_beta   94.058
_cell.angle_gamma   90.000
#
_symmetry.space_group_name_H-M   'C 1 2 1'
#
loop_
_entity.id
_entity.type
_entity.pdbx_description
1 polymer 'von Hippel-Lindau disease tumor suppressor'
2 polymer Elongin-C
3 polymer Elongin-B
4 non-polymer N-[5-(1-{2-[4-({[(1S,2R,3S,5S,6S,16E,18E,20R,21S)-11-chloro-21-hydroxy-12,20-dimethoxy-2,5,9,16-tetramethyl-8,23-dioxo-4,24-dioxa-9,22-diazatetracyclo[19.3.1.1~10,14~.0~3,5~]hexacosa-10(26),11,13,16,18-pentaen-6-yl]oxy}carbonyl)phenyl]ethyl}-1H-1,2,3-triazol-4-yl)pentanoyl]-3-methyl-D-valyl-(4R)-4-hydroxy-N-{[4-(4-methyl-1,3-thiazol-5-yl)phenyl]methyl}-L-prolinamide
5 water water
#
loop_
_entity_poly.entity_id
_entity_poly.type
_entity_poly.pdbx_seq_one_letter_code
_entity_poly.pdbx_strand_id
1 'polypeptide(L)'
;MNTIHHHHHHNTSGSGGGGGRLVPRGSMSENLYFQGSMEAGRPRPVLRSVNSREPSQVIFCNRSPRVVLPVWLNFDGEPQ
PYPTLPPGTGRRIHSYRGHLWLFRDAGTHDGLLVNQTELFVPSLNVDGQPIFANITLPVYTLKERCLQVVRSLVKPENYR
RLDIVRSLYEDLEDHPNVQKDLERLTQERIAHQRMGD
;
B
2 'polypeptide(L)'
;MMYVKLISSDGHEFIVKREHALTSGTIKAMLSGPGQFAENETNEVNFREIPSHVLSKVCMYFTYKVRYTNSSTEIPEFPI
APEIALELLMAANFLDC
;
C
3 'polypeptide(L)'
;MDVFLMIRRHKTTIFTDAKESSTVFELKRIVEGILKRPPDEQRLYKDDQLLDDGKTLGECGFTSQTARPQAPATVGLAFR
ADDTFEALCIEPFSSPPELPDVMK
;
D
#
# COMPACT_ATOMS: atom_id res chain seq x y z
N PRO A 45 -15.59 -23.11 -23.83
CA PRO A 45 -14.80 -22.70 -22.66
C PRO A 45 -15.59 -22.77 -21.37
N VAL A 46 -15.11 -22.07 -20.33
CA VAL A 46 -15.77 -22.06 -19.03
C VAL A 46 -16.10 -20.63 -18.65
N LEU A 47 -15.09 -19.76 -18.62
CA LEU A 47 -15.29 -18.35 -18.29
C LEU A 47 -15.85 -17.66 -19.52
N ARG A 48 -17.18 -17.63 -19.61
CA ARG A 48 -17.87 -17.00 -20.73
C ARG A 48 -19.26 -16.56 -20.26
N SER A 49 -19.72 -15.44 -20.80
CA SER A 49 -21.06 -14.99 -20.50
C SER A 49 -22.10 -15.96 -21.07
N VAL A 50 -23.29 -15.91 -20.51
CA VAL A 50 -24.41 -16.75 -20.94
C VAL A 50 -25.44 -15.86 -21.61
N ASN A 51 -25.89 -16.26 -22.79
CA ASN A 51 -26.86 -15.47 -23.54
C ASN A 51 -28.24 -15.62 -22.91
N SER A 52 -28.41 -15.03 -21.71
CA SER A 52 -29.64 -15.20 -20.97
C SER A 52 -30.77 -14.34 -21.54
N ARG A 53 -30.45 -13.15 -22.03
CA ARG A 53 -31.44 -12.20 -22.51
C ARG A 53 -32.34 -11.70 -21.38
N GLU A 54 -31.85 -11.80 -20.14
CA GLU A 54 -32.57 -11.28 -18.98
C GLU A 54 -31.94 -9.96 -18.57
N PRO A 55 -32.59 -8.82 -18.79
CA PRO A 55 -31.94 -7.55 -18.48
C PRO A 55 -31.57 -7.42 -17.01
N SER A 56 -30.45 -6.76 -16.76
CA SER A 56 -29.97 -6.49 -15.41
C SER A 56 -29.30 -5.13 -15.39
N GLN A 57 -29.71 -4.27 -14.45
CA GLN A 57 -29.20 -2.92 -14.37
C GLN A 57 -28.02 -2.86 -13.39
N VAL A 58 -26.93 -2.25 -13.82
CA VAL A 58 -25.71 -2.20 -13.03
C VAL A 58 -25.18 -0.78 -13.05
N ILE A 59 -24.60 -0.38 -11.92
CA ILE A 59 -23.87 0.88 -11.80
C ILE A 59 -22.39 0.55 -11.61
N PHE A 60 -21.60 0.80 -12.64
CA PHE A 60 -20.14 0.71 -12.53
C PHE A 60 -19.64 1.92 -11.75
N CYS A 61 -19.16 1.70 -10.53
CA CYS A 61 -18.70 2.78 -9.66
C CYS A 61 -17.19 2.62 -9.49
N ASN A 62 -16.44 3.56 -10.06
CA ASN A 62 -14.97 3.52 -10.02
C ASN A 62 -14.51 4.19 -8.73
N ARG A 63 -14.26 3.38 -7.71
CA ARG A 63 -13.74 3.85 -6.42
C ARG A 63 -12.23 3.64 -6.32
N SER A 64 -11.51 3.81 -7.43
CA SER A 64 -10.07 3.64 -7.49
C SER A 64 -9.44 4.90 -8.08
N PRO A 65 -8.16 5.14 -7.80
CA PRO A 65 -7.45 6.26 -8.45
C PRO A 65 -7.12 6.00 -9.90
N ARG A 66 -7.43 4.82 -10.43
CA ARG A 66 -7.05 4.46 -11.78
C ARG A 66 -8.16 4.76 -12.77
N VAL A 67 -7.78 4.88 -14.04
CA VAL A 67 -8.73 4.87 -15.14
C VAL A 67 -9.09 3.42 -15.41
N VAL A 68 -10.38 3.11 -15.30
CA VAL A 68 -10.84 1.73 -15.29
C VAL A 68 -11.26 1.32 -16.70
N LEU A 69 -10.80 0.15 -17.12
CA LEU A 69 -11.23 -0.45 -18.37
C LEU A 69 -12.21 -1.59 -18.08
N PRO A 70 -13.51 -1.43 -18.33
CA PRO A 70 -14.42 -2.57 -18.20
C PRO A 70 -14.24 -3.54 -19.37
N VAL A 71 -14.18 -4.82 -19.04
CA VAL A 71 -13.95 -5.87 -20.02
C VAL A 71 -15.08 -6.87 -19.92
N TRP A 72 -15.78 -7.08 -21.03
CA TRP A 72 -16.87 -8.05 -21.11
C TRP A 72 -16.37 -9.30 -21.83
N LEU A 73 -16.40 -10.44 -21.13
CA LEU A 73 -16.14 -11.73 -21.76
C LEU A 73 -17.35 -12.12 -22.59
N ASN A 74 -17.21 -12.13 -23.91
CA ASN A 74 -18.36 -12.43 -24.77
C ASN A 74 -18.72 -13.92 -24.62
N PHE A 75 -19.74 -14.35 -25.38
CA PHE A 75 -20.24 -15.71 -25.24
C PHE A 75 -19.22 -16.76 -25.67
N ASP A 76 -18.16 -16.36 -26.36
CA ASP A 76 -17.09 -17.27 -26.74
C ASP A 76 -15.97 -17.31 -25.71
N GLY A 77 -16.10 -16.57 -24.60
CA GLY A 77 -15.05 -16.48 -23.61
C GLY A 77 -13.96 -15.49 -23.93
N GLU A 78 -14.11 -14.70 -25.01
CA GLU A 78 -13.08 -13.76 -25.43
C GLU A 78 -13.33 -12.38 -24.82
N PRO A 79 -12.34 -11.77 -24.16
CA PRO A 79 -12.55 -10.44 -23.60
C PRO A 79 -12.88 -9.41 -24.68
N GLN A 80 -13.77 -8.51 -24.35
CA GLN A 80 -14.20 -7.44 -25.25
C GLN A 80 -14.09 -6.12 -24.51
N PRO A 81 -13.19 -5.21 -24.89
CA PRO A 81 -13.09 -3.93 -24.19
C PRO A 81 -14.35 -3.08 -24.33
N TYR A 82 -14.65 -2.34 -23.27
CA TYR A 82 -15.79 -1.42 -23.23
C TYR A 82 -15.30 -0.02 -22.86
N PRO A 83 -16.16 1.00 -22.91
CA PRO A 83 -15.70 2.37 -22.63
C PRO A 83 -15.13 2.50 -21.23
N THR A 84 -14.12 3.36 -21.09
CA THR A 84 -13.41 3.51 -19.83
C THR A 84 -14.17 4.43 -18.88
N LEU A 85 -13.84 4.32 -17.60
CA LEU A 85 -14.40 5.16 -16.54
C LEU A 85 -13.28 5.95 -15.89
N PRO A 86 -13.34 7.28 -15.87
CA PRO A 86 -12.32 8.06 -15.14
C PRO A 86 -12.38 7.79 -13.65
N PRO A 87 -11.30 8.04 -12.92
CA PRO A 87 -11.32 7.81 -11.47
C PRO A 87 -12.42 8.63 -10.80
N GLY A 88 -13.08 8.03 -9.81
CA GLY A 88 -14.09 8.72 -9.05
C GLY A 88 -15.38 8.99 -9.78
N THR A 89 -15.71 8.21 -10.81
CA THR A 89 -16.92 8.39 -11.59
C THR A 89 -17.73 7.09 -11.60
N GLY A 90 -19.01 7.23 -11.90
CA GLY A 90 -19.90 6.09 -11.99
C GLY A 90 -20.88 6.25 -13.13
N ARG A 91 -21.20 5.13 -13.76
CA ARG A 91 -22.12 5.10 -14.88
C ARG A 91 -23.13 3.99 -14.71
N ARG A 92 -24.38 4.28 -15.05
CA ARG A 92 -25.44 3.28 -15.03
C ARG A 92 -25.47 2.61 -16.39
N ILE A 93 -25.13 1.32 -16.42
CA ILE A 93 -25.00 0.58 -17.66
C ILE A 93 -26.06 -0.51 -17.70
N HIS A 94 -26.26 -1.08 -18.89
CA HIS A 94 -27.26 -2.13 -19.11
C HIS A 94 -26.53 -3.41 -19.48
N SER A 95 -26.62 -4.42 -18.62
CA SER A 95 -26.06 -5.74 -18.89
C SER A 95 -27.14 -6.80 -18.69
N TYR A 96 -26.75 -8.06 -18.67
CA TYR A 96 -27.70 -9.17 -18.61
C TYR A 96 -27.20 -10.22 -17.63
N ARG A 97 -28.15 -10.97 -17.07
CA ARG A 97 -27.81 -11.93 -16.03
C ARG A 97 -26.88 -13.01 -16.56
N GLY A 98 -25.90 -13.38 -15.74
CA GLY A 98 -24.94 -14.40 -16.12
C GLY A 98 -23.82 -13.93 -17.01
N HIS A 99 -23.70 -12.62 -17.23
CA HIS A 99 -22.65 -12.06 -18.07
C HIS A 99 -21.43 -11.74 -17.20
N LEU A 100 -20.26 -12.19 -17.66
CA LEU A 100 -19.03 -12.03 -16.89
C LEU A 100 -18.38 -10.68 -17.20
N TRP A 101 -17.95 -9.99 -16.15
CA TRP A 101 -17.23 -8.73 -16.27
C TRP A 101 -15.95 -8.81 -15.44
N LEU A 102 -14.87 -8.23 -15.96
CA LEU A 102 -13.66 -7.98 -15.21
C LEU A 102 -13.22 -6.55 -15.48
N PHE A 103 -12.36 -6.02 -14.61
CA PHE A 103 -12.01 -4.61 -14.63
C PHE A 103 -10.51 -4.44 -14.47
N ARG A 104 -9.93 -3.55 -15.28
CA ARG A 104 -8.49 -3.39 -15.37
C ARG A 104 -8.13 -1.92 -15.45
N ASP A 105 -6.87 -1.62 -15.20
CA ASP A 105 -6.37 -0.27 -15.45
C ASP A 105 -6.28 -0.05 -16.96
N ALA A 106 -6.87 1.04 -17.44
CA ALA A 106 -6.94 1.28 -18.88
C ALA A 106 -5.55 1.43 -19.50
N GLY A 107 -4.59 1.99 -18.75
CA GLY A 107 -3.28 2.26 -19.29
C GLY A 107 -2.28 1.13 -19.14
N THR A 108 -2.27 0.49 -17.97
CA THR A 108 -1.31 -0.56 -17.67
C THR A 108 -1.90 -1.96 -17.68
N HIS A 109 -3.23 -2.09 -17.69
CA HIS A 109 -3.92 -3.36 -17.59
C HIS A 109 -3.67 -4.05 -16.26
N ASP A 110 -3.24 -3.30 -15.23
CA ASP A 110 -3.18 -3.84 -13.89
C ASP A 110 -4.55 -4.33 -13.46
N GLY A 111 -4.59 -5.45 -12.74
CA GLY A 111 -5.87 -6.01 -12.33
C GLY A 111 -6.49 -5.20 -11.20
N LEU A 112 -7.81 -5.05 -11.27
CA LEU A 112 -8.59 -4.35 -10.27
C LEU A 112 -9.65 -5.28 -9.71
N LEU A 113 -10.14 -4.94 -8.52
CA LEU A 113 -11.18 -5.70 -7.86
C LEU A 113 -12.55 -5.06 -8.10
N VAL A 114 -13.57 -5.91 -8.12
CA VAL A 114 -14.97 -5.47 -8.21
C VAL A 114 -15.75 -6.19 -7.12
N ASN A 115 -16.36 -5.41 -6.23
CA ASN A 115 -17.10 -5.97 -5.09
C ASN A 115 -16.23 -6.95 -4.30
N GLN A 116 -14.97 -6.57 -4.11
CA GLN A 116 -13.98 -7.32 -3.34
C GLN A 116 -13.50 -8.59 -4.05
N THR A 117 -14.00 -8.88 -5.24
CA THR A 117 -13.57 -10.04 -6.02
C THR A 117 -13.01 -9.57 -7.37
N GLU A 118 -12.69 -10.53 -8.22
CA GLU A 118 -12.12 -10.24 -9.54
C GLU A 118 -13.16 -10.28 -10.66
N LEU A 119 -14.11 -11.21 -10.60
CA LEU A 119 -15.15 -11.34 -11.62
C LEU A 119 -16.48 -10.87 -11.06
N PHE A 120 -17.20 -10.11 -11.87
CA PHE A 120 -18.52 -9.60 -11.51
C PHE A 120 -19.54 -10.14 -12.50
N VAL A 121 -20.59 -10.76 -11.99
N VAL A 121 -20.59 -10.76 -11.99
CA VAL A 121 -21.67 -11.30 -12.80
CA VAL A 121 -21.67 -11.30 -12.80
C VAL A 121 -22.97 -10.64 -12.34
C VAL A 121 -22.97 -10.64 -12.34
N PRO A 122 -23.63 -9.85 -13.18
CA PRO A 122 -24.89 -9.21 -12.75
C PRO A 122 -25.95 -10.23 -12.37
N SER A 123 -26.75 -9.87 -11.38
N SER A 123 -26.75 -9.88 -11.39
CA SER A 123 -27.89 -10.67 -10.96
CA SER A 123 -27.88 -10.67 -10.94
C SER A 123 -29.18 -9.89 -11.21
C SER A 123 -29.17 -9.89 -11.20
N LEU A 124 -30.29 -10.61 -11.20
N LEU A 124 -30.29 -10.61 -11.22
CA LEU A 124 -31.58 -9.97 -11.44
CA LEU A 124 -31.57 -9.98 -11.45
C LEU A 124 -31.87 -8.94 -10.36
C LEU A 124 -31.87 -8.94 -10.36
N ASN A 125 -32.39 -7.79 -10.78
CA ASN A 125 -32.63 -6.69 -9.86
C ASN A 125 -33.82 -6.96 -8.95
N VAL A 126 -33.87 -6.22 -7.84
N VAL A 126 -33.87 -6.22 -7.84
CA VAL A 126 -34.93 -6.35 -6.86
CA VAL A 126 -34.93 -6.35 -6.86
C VAL A 126 -35.37 -4.94 -6.44
C VAL A 126 -35.37 -4.94 -6.44
N ASP A 127 -36.69 -4.72 -6.39
CA ASP A 127 -37.26 -3.45 -5.95
C ASP A 127 -36.76 -2.27 -6.79
N GLY A 128 -36.47 -2.51 -8.06
CA GLY A 128 -35.95 -1.47 -8.91
C GLY A 128 -34.65 -0.88 -8.43
N GLN A 129 -33.87 -1.62 -7.64
CA GLN A 129 -32.59 -1.14 -7.14
C GLN A 129 -31.45 -1.68 -8.00
N PRO A 130 -30.54 -0.84 -8.48
CA PRO A 130 -29.46 -1.34 -9.33
C PRO A 130 -28.46 -2.19 -8.56
N ILE A 131 -27.71 -2.99 -9.31
CA ILE A 131 -26.60 -3.76 -8.76
C ILE A 131 -25.35 -2.90 -8.83
N PHE A 132 -24.70 -2.68 -7.69
CA PHE A 132 -23.51 -1.86 -7.62
C PHE A 132 -22.28 -2.72 -7.85
N ALA A 133 -21.51 -2.38 -8.88
CA ALA A 133 -20.19 -2.97 -9.11
C ALA A 133 -19.16 -1.96 -8.63
N ASN A 134 -18.64 -2.16 -7.42
CA ASN A 134 -17.69 -1.23 -6.81
C ASN A 134 -16.29 -1.63 -7.22
N ILE A 135 -15.72 -0.90 -8.16
CA ILE A 135 -14.37 -1.17 -8.65
C ILE A 135 -13.37 -0.52 -7.71
N THR A 136 -12.42 -1.30 -7.22
CA THR A 136 -11.51 -0.83 -6.18
C THR A 136 -10.09 -1.27 -6.50
N LEU A 137 -9.15 -0.50 -5.99
CA LEU A 137 -7.74 -0.88 -6.09
C LEU A 137 -7.47 -2.07 -5.18
N PRO A 138 -6.78 -3.10 -5.65
CA PRO A 138 -6.36 -4.17 -4.72
C PRO A 138 -5.23 -3.68 -3.84
N VAL A 139 -5.00 -4.41 -2.74
CA VAL A 139 -3.80 -4.23 -1.95
C VAL A 139 -2.73 -5.07 -2.61
N TYR A 140 -2.01 -4.47 -3.55
CA TYR A 140 -0.95 -5.17 -4.25
C TYR A 140 0.15 -5.57 -3.28
N THR A 141 0.88 -6.62 -3.65
CA THR A 141 2.14 -6.87 -2.96
C THR A 141 3.09 -5.71 -3.23
N LEU A 142 4.04 -5.51 -2.31
CA LEU A 142 5.03 -4.46 -2.51
C LEU A 142 5.79 -4.70 -3.82
N LYS A 143 6.11 -5.95 -4.12
CA LYS A 143 6.84 -6.24 -5.35
C LYS A 143 6.04 -5.84 -6.58
N GLU A 144 4.77 -6.25 -6.64
CA GLU A 144 3.95 -5.93 -7.81
C GLU A 144 3.78 -4.43 -7.95
N ARG A 145 3.54 -3.73 -6.85
CA ARG A 145 3.47 -2.27 -6.89
C ARG A 145 4.79 -1.68 -7.37
N CYS A 146 5.91 -2.22 -6.90
CA CYS A 146 7.21 -1.74 -7.37
C CYS A 146 7.37 -1.94 -8.87
N LEU A 147 6.96 -3.11 -9.38
CA LEU A 147 7.06 -3.36 -10.81
C LEU A 147 6.19 -2.38 -11.59
N GLN A 148 4.98 -2.11 -11.10
CA GLN A 148 4.10 -1.15 -11.80
C GLN A 148 4.79 0.20 -11.95
N VAL A 149 5.39 0.70 -10.87
CA VAL A 149 6.04 2.00 -10.90
C VAL A 149 7.22 2.00 -11.86
N VAL A 150 8.06 0.96 -11.78
CA VAL A 150 9.20 0.87 -12.67
C VAL A 150 8.75 0.83 -14.13
N ARG A 151 7.73 0.00 -14.43
CA ARG A 151 7.25 -0.10 -15.80
C ARG A 151 6.83 1.25 -16.36
N SER A 152 6.30 2.13 -15.52
CA SER A 152 5.83 3.44 -15.97
C SER A 152 6.96 4.44 -16.16
N LEU A 153 8.15 4.16 -15.60
CA LEU A 153 9.26 5.10 -15.65
C LEU A 153 10.31 4.75 -16.68
N VAL A 154 10.43 3.48 -17.05
CA VAL A 154 11.46 3.00 -17.96
C VAL A 154 10.76 2.43 -19.19
N LYS A 155 11.26 2.80 -20.37
CA LYS A 155 10.72 2.21 -21.59
C LYS A 155 11.01 0.71 -21.59
N PRO A 156 10.10 -0.09 -22.17
CA PRO A 156 10.33 -1.54 -22.15
C PRO A 156 11.63 -1.97 -22.82
N GLU A 157 12.08 -1.22 -23.83
CA GLU A 157 13.33 -1.53 -24.51
C GLU A 157 14.56 -1.29 -23.62
N ASN A 158 14.38 -0.63 -22.47
CA ASN A 158 15.49 -0.28 -21.60
C ASN A 158 15.39 -0.91 -20.22
N TYR A 159 14.53 -1.93 -20.05
CA TYR A 159 14.45 -2.62 -18.77
C TYR A 159 15.78 -3.24 -18.40
N ARG A 160 16.47 -3.83 -19.37
CA ARG A 160 17.69 -4.60 -19.11
C ARG A 160 18.94 -3.73 -18.99
N ARG A 161 18.78 -2.41 -18.86
CA ARG A 161 19.89 -1.51 -18.53
C ARG A 161 19.83 -1.06 -17.07
N LEU A 162 19.01 -1.71 -16.26
CA LEU A 162 18.86 -1.40 -14.85
C LEU A 162 19.72 -2.34 -14.01
N ASP A 163 20.15 -1.85 -12.84
CA ASP A 163 21.00 -2.63 -11.95
C ASP A 163 20.13 -3.48 -11.04
N ILE A 164 19.65 -4.60 -11.58
CA ILE A 164 18.80 -5.55 -10.85
C ILE A 164 19.15 -6.95 -11.33
N VAL A 165 18.64 -7.96 -10.60
CA VAL A 165 18.89 -9.35 -10.97
C VAL A 165 18.18 -9.67 -12.28
N ARG A 166 18.71 -10.67 -13.00
CA ARG A 166 18.09 -11.07 -14.26
C ARG A 166 16.66 -11.56 -14.05
N SER A 167 16.38 -12.18 -12.90
CA SER A 167 15.02 -12.64 -12.64
C SER A 167 14.01 -11.49 -12.64
N LEU A 168 14.46 -10.28 -12.28
CA LEU A 168 13.58 -9.13 -12.26
C LEU A 168 13.32 -8.57 -13.66
N TYR A 169 14.24 -8.77 -14.61
CA TYR A 169 13.98 -8.38 -15.99
C TYR A 169 12.78 -9.13 -16.53
N GLU A 170 12.72 -10.44 -16.30
CA GLU A 170 11.57 -11.23 -16.74
C GLU A 170 10.30 -10.78 -16.05
N ASP A 171 10.39 -10.49 -14.74
CA ASP A 171 9.22 -10.00 -14.02
C ASP A 171 8.74 -8.66 -14.56
N LEU A 172 9.68 -7.74 -14.83
CA LEU A 172 9.29 -6.46 -15.42
C LEU A 172 8.66 -6.65 -16.78
N GLU A 173 9.22 -7.54 -17.61
CA GLU A 173 8.71 -7.79 -18.94
C GLU A 173 7.43 -8.62 -18.93
N ASP A 174 7.04 -9.18 -17.79
CA ASP A 174 5.80 -9.95 -17.67
C ASP A 174 4.68 -8.97 -17.34
N HIS A 175 4.23 -8.24 -18.36
CA HIS A 175 3.20 -7.24 -18.17
C HIS A 175 1.88 -7.90 -17.83
N PRO A 176 1.06 -7.29 -16.97
CA PRO A 176 -0.29 -7.82 -16.74
C PRO A 176 -1.12 -7.78 -18.02
N ASN A 177 -1.93 -8.82 -18.20
CA ASN A 177 -2.86 -8.87 -19.32
C ASN A 177 -4.06 -9.73 -18.94
N VAL A 178 -5.17 -9.49 -19.63
CA VAL A 178 -6.41 -10.18 -19.28
C VAL A 178 -6.29 -11.68 -19.53
N GLN A 179 -5.64 -12.07 -20.62
CA GLN A 179 -5.55 -13.49 -20.95
C GLN A 179 -4.81 -14.25 -19.86
N LYS A 180 -3.80 -13.62 -19.24
CA LYS A 180 -3.06 -14.26 -18.17
C LYS A 180 -3.99 -14.63 -17.02
N ASP A 181 -4.81 -13.68 -16.57
CA ASP A 181 -5.63 -13.91 -15.39
C ASP A 181 -6.83 -14.81 -15.67
N LEU A 182 -7.32 -14.85 -16.91
CA LEU A 182 -8.40 -15.78 -17.24
C LEU A 182 -7.94 -17.22 -17.08
N GLU A 183 -6.68 -17.50 -17.40
CA GLU A 183 -6.15 -18.85 -17.23
C GLU A 183 -6.19 -19.28 -15.76
N ARG A 184 -5.81 -18.38 -14.86
CA ARG A 184 -5.87 -18.71 -13.43
C ARG A 184 -7.30 -18.99 -13.00
N LEU A 185 -8.25 -18.16 -13.44
CA LEU A 185 -9.63 -18.30 -12.99
C LEU A 185 -10.28 -19.57 -13.55
N THR A 186 -10.00 -19.90 -14.82
CA THR A 186 -10.59 -21.09 -15.42
C THR A 186 -10.17 -22.36 -14.67
N GLN A 187 -8.88 -22.48 -14.35
CA GLN A 187 -8.36 -23.69 -13.73
C GLN A 187 -8.83 -23.88 -12.29
N GLU A 188 -9.36 -22.84 -11.65
CA GLU A 188 -9.86 -22.95 -10.29
C GLU A 188 -11.39 -22.96 -10.28
N MET B 2 3.25 -6.43 21.13
CA MET B 2 4.51 -7.07 20.79
C MET B 2 5.14 -6.39 19.58
N TYR B 3 6.35 -5.88 19.75
CA TYR B 3 7.07 -5.16 18.71
C TYR B 3 8.31 -5.93 18.28
N VAL B 4 8.78 -5.60 17.08
CA VAL B 4 10.00 -6.17 16.50
C VAL B 4 10.82 -5.03 15.93
N LYS B 5 12.14 -5.11 16.11
CA LYS B 5 13.04 -4.08 15.62
C LYS B 5 13.71 -4.53 14.33
N LEU B 6 13.63 -3.71 13.30
CA LEU B 6 14.29 -3.93 12.02
C LEU B 6 15.38 -2.88 11.85
N ILE B 7 16.61 -3.33 11.61
CA ILE B 7 17.77 -2.45 11.54
C ILE B 7 18.30 -2.46 10.11
N SER B 8 18.50 -1.27 9.54
CA SER B 8 18.97 -1.14 8.17
C SER B 8 20.49 -1.27 8.11
N SER B 9 21.04 -1.11 6.90
CA SER B 9 22.47 -1.28 6.70
C SER B 9 23.28 -0.10 7.21
N ASP B 10 22.70 1.10 7.23
CA ASP B 10 23.40 2.30 7.66
C ASP B 10 23.22 2.58 9.15
N GLY B 11 22.56 1.68 9.88
CA GLY B 11 22.46 1.77 11.33
C GLY B 11 21.11 2.19 11.84
N HIS B 12 20.24 2.72 10.97
CA HIS B 12 18.92 3.14 11.42
C HIS B 12 18.11 1.95 11.92
N GLU B 13 17.38 2.17 13.01
CA GLU B 13 16.59 1.13 13.66
C GLU B 13 15.11 1.47 13.54
N PHE B 14 14.32 0.50 13.09
CA PHE B 14 12.89 0.66 12.89
C PHE B 14 12.16 -0.33 13.79
N ILE B 15 11.34 0.19 14.71
CA ILE B 15 10.55 -0.64 15.61
C ILE B 15 9.14 -0.70 15.07
N VAL B 16 8.69 -1.90 14.71
CA VAL B 16 7.37 -2.10 14.14
C VAL B 16 6.71 -3.30 14.82
N LYS B 17 5.38 -3.33 14.76
CA LYS B 17 4.64 -4.43 15.36
C LYS B 17 5.03 -5.75 14.69
N ARG B 18 5.00 -6.82 15.47
CA ARG B 18 5.33 -8.14 14.93
C ARG B 18 4.34 -8.56 13.86
N GLU B 19 3.06 -8.29 14.07
CA GLU B 19 2.05 -8.58 13.06
C GLU B 19 2.43 -7.98 11.71
N HIS B 20 2.80 -6.69 11.73
CA HIS B 20 3.14 -6.01 10.48
C HIS B 20 4.40 -6.59 9.86
N ALA B 21 5.40 -6.93 10.67
CA ALA B 21 6.64 -7.49 10.15
C ALA B 21 6.41 -8.85 9.49
N LEU B 22 5.53 -9.67 10.08
CA LEU B 22 5.27 -11.01 9.55
C LEU B 22 4.55 -10.98 8.21
N THR B 23 4.15 -9.80 7.72
CA THR B 23 3.69 -9.68 6.34
C THR B 23 4.73 -10.25 5.38
N SER B 24 6.01 -10.06 5.70
CA SER B 24 7.10 -10.56 4.87
C SER B 24 7.41 -12.00 5.25
N GLY B 25 7.33 -12.91 4.28
CA GLY B 25 7.69 -14.29 4.53
C GLY B 25 9.14 -14.45 4.93
N THR B 26 10.02 -13.62 4.34
CA THR B 26 11.43 -13.69 4.69
C THR B 26 11.68 -13.29 6.13
N ILE B 27 11.02 -12.22 6.59
CA ILE B 27 11.22 -11.78 7.97
C ILE B 27 10.71 -12.82 8.95
N LYS B 28 9.60 -13.49 8.61
CA LYS B 28 9.04 -14.50 9.51
C LYS B 28 10.04 -15.61 9.80
N ALA B 29 10.72 -16.09 8.75
CA ALA B 29 11.73 -17.13 8.95
C ALA B 29 12.91 -16.60 9.77
N MET B 30 13.34 -15.36 9.50
CA MET B 30 14.45 -14.79 10.26
C MET B 30 14.08 -14.61 11.73
N LEU B 31 12.86 -14.15 12.01
CA LEU B 31 12.44 -13.96 13.39
C LEU B 31 12.20 -15.26 14.13
N SER B 32 11.97 -16.36 13.41
CA SER B 32 11.73 -17.66 14.04
C SER B 32 12.39 -18.78 13.24
N GLU B 41 19.61 -11.40 17.34
CA GLU B 41 19.13 -11.14 18.68
C GLU B 41 17.62 -11.40 18.77
N THR B 42 17.08 -11.35 19.99
CA THR B 42 15.67 -11.63 20.21
C THR B 42 14.81 -10.48 19.67
N ASN B 43 13.88 -10.81 18.78
CA ASN B 43 12.99 -9.81 18.18
C ASN B 43 13.79 -8.70 17.51
N GLU B 44 14.94 -9.05 16.93
CA GLU B 44 15.77 -8.13 16.19
C GLU B 44 16.21 -8.79 14.89
N VAL B 45 16.23 -8.00 13.82
CA VAL B 45 16.67 -8.47 12.51
C VAL B 45 17.55 -7.39 11.88
N ASN B 46 18.69 -7.80 11.34
CA ASN B 46 19.64 -6.89 10.70
C ASN B 46 19.67 -7.18 9.21
N PHE B 47 19.42 -6.14 8.40
CA PHE B 47 19.45 -6.24 6.95
C PHE B 47 20.72 -5.56 6.45
N ARG B 48 21.54 -6.31 5.71
CA ARG B 48 22.84 -5.81 5.27
C ARG B 48 22.77 -5.09 3.93
N GLU B 49 21.72 -5.33 3.13
CA GLU B 49 21.62 -4.77 1.80
C GLU B 49 20.56 -3.68 1.65
N ILE B 50 19.76 -3.41 2.70
CA ILE B 50 18.64 -2.52 2.61
C ILE B 50 18.98 -1.21 3.35
N PRO B 51 19.17 -0.09 2.65
CA PRO B 51 19.45 1.18 3.36
C PRO B 51 18.24 1.68 4.14
N SER B 52 18.44 2.76 4.91
CA SER B 52 17.37 3.26 5.77
C SER B 52 16.20 3.81 4.97
N HIS B 53 16.49 4.58 3.91
CA HIS B 53 15.41 5.18 3.13
C HIS B 53 14.56 4.14 2.42
N VAL B 54 15.08 2.93 2.21
CA VAL B 54 14.29 1.85 1.64
C VAL B 54 13.54 1.08 2.72
N LEU B 55 14.23 0.74 3.82
CA LEU B 55 13.57 -0.01 4.89
C LEU B 55 12.46 0.81 5.53
N SER B 56 12.60 2.14 5.57
CA SER B 56 11.53 2.97 6.09
C SER B 56 10.28 2.83 5.23
N LYS B 57 10.44 2.75 3.92
CA LYS B 57 9.29 2.62 3.03
C LYS B 57 8.66 1.23 3.13
N VAL B 58 9.46 0.20 3.39
CA VAL B 58 8.92 -1.14 3.56
C VAL B 58 8.01 -1.19 4.79
N CYS B 59 8.43 -0.57 5.89
CA CYS B 59 7.58 -0.52 7.08
C CYS B 59 6.30 0.23 6.81
N MET B 60 6.34 1.27 5.97
CA MET B 60 5.12 1.94 5.58
C MET B 60 4.20 1.00 4.82
N TYR B 61 4.77 0.14 3.96
CA TYR B 61 3.95 -0.84 3.27
C TYR B 61 3.29 -1.80 4.25
N PHE B 62 4.04 -2.28 5.25
CA PHE B 62 3.44 -3.18 6.22
C PHE B 62 2.27 -2.52 6.92
N THR B 63 2.42 -1.26 7.33
CA THR B 63 1.32 -0.53 7.93
C THR B 63 0.18 -0.34 6.94
N TYR B 64 0.51 0.01 5.70
CA TYR B 64 -0.51 0.12 4.66
C TYR B 64 -1.16 -1.22 4.36
N LYS B 65 -0.36 -2.28 4.29
CA LYS B 65 -0.90 -3.61 3.97
C LYS B 65 -1.88 -4.07 5.05
N VAL B 66 -1.45 -4.02 6.32
CA VAL B 66 -2.32 -4.48 7.39
C VAL B 66 -3.55 -3.60 7.51
N ARG B 67 -3.40 -2.30 7.25
CA ARG B 67 -4.52 -1.37 7.42
C ARG B 67 -5.65 -1.68 6.45
N TYR B 68 -5.34 -1.77 5.15
CA TYR B 68 -6.35 -1.85 4.12
C TYR B 68 -6.65 -3.27 3.66
N THR B 69 -6.00 -4.27 4.23
CA THR B 69 -6.34 -5.65 3.91
C THR B 69 -7.66 -6.04 4.58
N ASN B 70 -8.56 -6.63 3.81
CA ASN B 70 -9.86 -7.08 4.31
C ASN B 70 -10.63 -5.93 4.96
N SER B 71 -10.67 -4.79 4.26
CA SER B 71 -11.39 -3.61 4.72
C SER B 71 -12.28 -3.08 3.60
N SER B 72 -13.43 -2.56 4.00
CA SER B 72 -14.35 -1.94 3.05
C SER B 72 -14.00 -0.49 2.75
N THR B 73 -13.06 0.10 3.49
CA THR B 73 -12.64 1.46 3.22
C THR B 73 -11.97 1.54 1.86
N GLU B 74 -12.17 2.66 1.16
CA GLU B 74 -11.55 2.84 -0.15
C GLU B 74 -10.04 2.74 -0.04
N ILE B 75 -9.45 1.91 -0.88
CA ILE B 75 -8.01 1.66 -0.84
C ILE B 75 -7.30 2.75 -1.62
N PRO B 76 -6.37 3.49 -1.02
CA PRO B 76 -5.59 4.48 -1.76
C PRO B 76 -4.37 3.87 -2.42
N GLU B 77 -3.83 4.59 -3.39
CA GLU B 77 -2.61 4.16 -4.05
C GLU B 77 -1.44 4.23 -3.06
N PHE B 78 -0.60 3.21 -3.11
CA PHE B 78 0.62 3.22 -2.31
C PHE B 78 1.70 4.00 -3.06
N PRO B 79 2.22 5.10 -2.51
CA PRO B 79 3.15 5.93 -3.28
C PRO B 79 4.58 5.41 -3.21
N ILE B 80 5.26 5.46 -4.36
CA ILE B 80 6.65 5.06 -4.49
C ILE B 80 7.36 6.11 -5.33
N ALA B 81 8.29 6.85 -4.72
CA ALA B 81 9.02 7.87 -5.46
C ALA B 81 9.93 7.22 -6.50
N PRO B 82 10.15 7.88 -7.64
CA PRO B 82 11.04 7.29 -8.66
C PRO B 82 12.44 7.02 -8.15
N GLU B 83 12.95 7.84 -7.23
CA GLU B 83 14.32 7.67 -6.75
C GLU B 83 14.50 6.32 -6.08
N ILE B 84 13.50 5.88 -5.31
CA ILE B 84 13.61 4.68 -4.49
C ILE B 84 12.93 3.48 -5.14
N ALA B 85 12.49 3.61 -6.40
CA ALA B 85 11.72 2.54 -7.03
C ALA B 85 12.53 1.25 -7.15
N LEU B 86 13.74 1.34 -7.70
CA LEU B 86 14.53 0.14 -7.93
C LEU B 86 14.92 -0.53 -6.61
N GLU B 87 15.38 0.26 -5.63
CA GLU B 87 15.85 -0.32 -4.38
C GLU B 87 14.70 -1.01 -3.65
N LEU B 88 13.51 -0.40 -3.68
CA LEU B 88 12.35 -1.03 -3.05
C LEU B 88 11.99 -2.33 -3.76
N LEU B 89 12.10 -2.35 -5.09
CA LEU B 89 11.83 -3.57 -5.84
C LEU B 89 12.78 -4.68 -5.44
N MET B 90 14.08 -4.38 -5.31
CA MET B 90 15.04 -5.38 -4.91
C MET B 90 14.79 -5.85 -3.48
N ALA B 91 14.50 -4.91 -2.57
CA ALA B 91 14.15 -5.29 -1.21
C ALA B 91 12.85 -6.10 -1.18
N ALA B 92 11.86 -5.69 -1.97
CA ALA B 92 10.59 -6.42 -1.99
C ALA B 92 10.77 -7.83 -2.54
N ASN B 93 11.61 -7.98 -3.57
CA ASN B 93 11.85 -9.31 -4.13
C ASN B 93 12.55 -10.21 -3.11
N PHE B 94 13.46 -9.64 -2.31
CA PHE B 94 14.14 -10.43 -1.31
C PHE B 94 13.24 -10.73 -0.11
N LEU B 95 12.33 -9.81 0.21
CA LEU B 95 11.49 -9.95 1.39
C LEU B 95 10.20 -10.73 1.13
N ASP B 96 9.79 -10.87 -0.13
CA ASP B 96 8.57 -11.59 -0.49
C ASP B 96 7.37 -11.00 0.24
N CYS B 97 7.19 -9.69 0.09
CA CYS B 97 6.06 -8.99 0.69
C CYS B 97 5.31 -8.18 -0.36
N ASP C 2 -8.26 8.23 12.71
CA ASP C 2 -6.98 7.69 13.16
C ASP C 2 -5.83 8.33 12.38
N VAL C 3 -4.65 8.36 13.01
CA VAL C 3 -3.46 8.94 12.41
C VAL C 3 -2.30 7.96 12.58
N PHE C 4 -1.37 8.00 11.62
CA PHE C 4 -0.21 7.13 11.60
C PHE C 4 1.05 7.97 11.56
N LEU C 5 1.96 7.75 12.52
CA LEU C 5 3.11 8.61 12.70
C LEU C 5 4.37 7.79 12.94
N MET C 6 5.51 8.38 12.60
CA MET C 6 6.83 7.83 12.88
C MET C 6 7.43 8.65 14.02
N ILE C 7 7.57 8.05 15.19
CA ILE C 7 8.24 8.69 16.32
C ILE C 7 9.74 8.46 16.15
N ARG C 8 10.47 9.51 15.80
CA ARG C 8 11.88 9.41 15.46
C ARG C 8 12.74 10.04 16.55
N ARG C 9 13.87 9.39 16.83
CA ARG C 9 14.81 9.86 17.85
C ARG C 9 16.19 9.34 17.46
N HIS C 10 17.03 10.25 16.94
CA HIS C 10 18.36 9.90 16.43
C HIS C 10 18.18 8.82 15.37
N LYS C 11 18.70 7.60 15.56
CA LYS C 11 18.52 6.51 14.61
C LYS C 11 17.47 5.51 15.06
N THR C 12 16.44 5.98 15.76
CA THR C 12 15.35 5.13 16.24
C THR C 12 14.04 5.65 15.69
N THR C 13 13.33 4.80 14.96
CA THR C 13 12.04 5.14 14.38
C THR C 13 11.01 4.11 14.81
N ILE C 14 9.86 4.59 15.29
CA ILE C 14 8.78 3.73 15.77
C ILE C 14 7.55 3.99 14.91
N PHE C 15 6.96 2.93 14.39
CA PHE C 15 5.72 3.03 13.60
C PHE C 15 4.55 2.65 14.48
N THR C 16 3.60 3.57 14.64
CA THR C 16 2.45 3.35 15.50
C THR C 16 1.31 4.25 15.03
N ASP C 17 0.10 3.93 15.48
CA ASP C 17 -1.11 4.63 15.08
C ASP C 17 -1.74 5.33 16.28
N ALA C 18 -2.43 6.43 16.01
CA ALA C 18 -3.09 7.22 17.04
C ALA C 18 -4.33 7.86 16.43
N LYS C 19 -4.90 8.85 17.12
CA LYS C 19 -6.08 9.56 16.65
C LYS C 19 -5.85 11.06 16.78
N GLU C 20 -6.54 11.83 15.92
CA GLU C 20 -6.44 13.28 15.99
C GLU C 20 -6.81 13.78 17.39
N SER C 21 -7.71 13.07 18.08
CA SER C 21 -8.09 13.45 19.44
C SER C 21 -7.06 13.05 20.47
N SER C 22 -6.17 12.11 20.16
CA SER C 22 -5.17 11.68 21.13
C SER C 22 -4.28 12.85 21.52
N THR C 23 -3.98 12.94 22.80
CA THR C 23 -3.18 14.04 23.34
C THR C 23 -1.71 13.66 23.37
N VAL C 24 -0.86 14.69 23.54
CA VAL C 24 0.58 14.48 23.52
C VAL C 24 1.00 13.55 24.66
N PHE C 25 0.41 13.74 25.84
CA PHE C 25 0.78 12.89 26.97
C PHE C 25 0.41 11.43 26.70
N GLU C 26 -0.73 11.19 26.05
CA GLU C 26 -1.11 9.82 25.72
C GLU C 26 -0.12 9.20 24.75
N LEU C 27 0.40 10.00 23.81
CA LEU C 27 1.43 9.49 22.90
C LEU C 27 2.69 9.13 23.68
N LYS C 28 3.06 9.95 24.68
CA LYS C 28 4.20 9.62 25.52
C LYS C 28 3.99 8.32 26.27
N ARG C 29 2.73 7.96 26.54
CA ARG C 29 2.46 6.68 27.21
C ARG C 29 2.94 5.51 26.36
N ILE C 30 2.53 5.48 25.10
CA ILE C 30 2.92 4.36 24.23
C ILE C 30 4.42 4.39 23.94
N VAL C 31 5.01 5.59 23.88
CA VAL C 31 6.46 5.68 23.71
C VAL C 31 7.16 4.93 24.84
N GLU C 32 6.65 5.08 26.06
CA GLU C 32 7.17 4.29 27.18
C GLU C 32 6.92 2.80 26.98
N GLY C 33 5.84 2.45 26.28
CA GLY C 33 5.54 1.04 26.05
C GLY C 33 6.57 0.35 25.16
N ILE C 34 7.26 1.10 24.32
CA ILE C 34 8.24 0.54 23.41
C ILE C 34 9.65 0.82 23.94
N LEU C 35 9.94 2.10 24.18
CA LEU C 35 11.29 2.50 24.61
C LEU C 35 11.49 2.37 26.12
N LYS C 36 10.43 2.18 26.90
CA LYS C 36 10.53 2.02 28.34
C LYS C 36 11.22 3.21 28.99
N ARG C 37 10.73 4.41 28.69
CA ARG C 37 11.20 5.67 29.26
C ARG C 37 10.01 6.48 29.74
N PRO C 38 10.21 7.28 30.81
CA PRO C 38 9.09 7.99 31.43
C PRO C 38 8.61 9.16 30.58
N PRO C 39 7.30 9.47 30.60
CA PRO C 39 6.84 10.69 29.92
C PRO C 39 7.48 11.96 30.48
N ASP C 40 7.88 11.97 31.75
CA ASP C 40 8.54 13.13 32.32
C ASP C 40 9.79 13.51 31.55
N GLU C 41 10.48 12.53 30.99
CA GLU C 41 11.73 12.73 30.27
C GLU C 41 11.53 12.55 28.76
N GLN C 42 10.38 13.02 28.25
CA GLN C 42 10.07 13.00 26.83
C GLN C 42 9.72 14.41 26.36
N ARG C 43 10.18 14.75 25.16
CA ARG C 43 9.92 16.07 24.58
C ARG C 43 9.59 15.87 23.11
N LEU C 44 8.29 15.88 22.79
CA LEU C 44 7.86 15.70 21.41
C LEU C 44 7.95 17.02 20.65
N TYR C 45 8.08 16.91 19.33
CA TYR C 45 8.26 18.07 18.48
C TYR C 45 7.44 17.92 17.21
N LYS C 46 7.12 19.05 16.60
CA LYS C 46 6.44 19.12 15.30
C LYS C 46 7.22 20.11 14.45
N ASP C 47 8.23 19.62 13.75
CA ASP C 47 9.14 20.46 12.97
C ASP C 47 9.80 21.52 13.86
N ASP C 48 10.55 21.02 14.84
CA ASP C 48 11.22 21.84 15.85
C ASP C 48 10.32 22.96 16.35
N GLN C 49 9.07 22.59 16.67
CA GLN C 49 8.10 23.52 17.24
C GLN C 49 7.75 23.20 18.69
N LEU C 50 7.98 21.98 19.15
CA LEU C 50 7.68 21.55 20.51
C LEU C 50 6.18 21.37 20.69
N LEU C 51 5.78 20.38 21.49
CA LEU C 51 4.39 20.02 21.66
C LEU C 51 4.04 20.01 23.14
N ASP C 52 2.86 20.54 23.46
CA ASP C 52 2.38 20.61 24.83
C ASP C 52 1.63 19.34 25.19
N ASP C 53 1.82 18.87 26.43
CA ASP C 53 1.26 17.60 26.85
C ASP C 53 -0.27 17.59 26.80
N GLY C 54 -0.91 18.76 26.84
CA GLY C 54 -2.36 18.82 26.89
C GLY C 54 -3.02 18.92 25.53
N LYS C 55 -2.31 19.46 24.55
CA LYS C 55 -2.89 19.67 23.24
C LYS C 55 -3.04 18.34 22.49
N THR C 56 -3.97 18.33 21.53
CA THR C 56 -4.25 17.16 20.73
C THR C 56 -3.47 17.20 19.41
N LEU C 57 -3.41 16.05 18.73
CA LEU C 57 -2.70 15.97 17.46
C LEU C 57 -3.33 16.88 16.42
N GLY C 58 -4.66 16.99 16.42
CA GLY C 58 -5.32 17.92 15.53
C GLY C 58 -4.94 19.36 15.81
N GLU C 59 -4.82 19.72 17.10
CA GLU C 59 -4.38 21.05 17.46
C GLU C 59 -2.92 21.29 17.12
N CYS C 60 -2.11 20.22 17.12
CA CYS C 60 -0.69 20.33 16.80
C CYS C 60 -0.42 20.30 15.30
N GLY C 61 -1.46 20.18 14.48
CA GLY C 61 -1.33 20.18 13.03
C GLY C 61 -1.39 18.81 12.40
N PHE C 62 -1.21 17.75 13.17
CA PHE C 62 -1.31 16.41 12.62
C PHE C 62 -2.77 16.09 12.29
N THR C 63 -2.99 15.58 11.08
CA THR C 63 -4.34 15.28 10.59
C THR C 63 -4.31 13.93 9.89
N SER C 64 -5.50 13.32 9.79
CA SER C 64 -5.62 12.02 9.14
C SER C 64 -5.16 12.07 7.69
N GLN C 65 -5.39 13.20 7.01
CA GLN C 65 -4.97 13.34 5.62
C GLN C 65 -3.47 13.59 5.49
N THR C 66 -2.81 14.04 6.56
CA THR C 66 -1.36 14.22 6.56
C THR C 66 -0.63 13.12 7.29
N ALA C 67 -1.34 12.26 8.03
CA ALA C 67 -0.75 11.11 8.73
C ALA C 67 -1.44 9.86 8.19
N ARG C 68 -0.92 9.35 7.07
CA ARG C 68 -1.51 8.22 6.36
C ARG C 68 -0.76 6.94 6.69
N PRO C 69 -1.42 5.78 6.56
CA PRO C 69 -0.69 4.52 6.72
C PRO C 69 0.49 4.40 5.76
N GLN C 70 0.30 4.86 4.53
CA GLN C 70 1.34 4.76 3.51
C GLN C 70 2.35 5.89 3.59
N ALA C 71 2.07 6.94 4.37
CA ALA C 71 2.98 8.08 4.51
C ALA C 71 2.78 8.70 5.88
N PRO C 72 3.32 8.08 6.92
CA PRO C 72 3.13 8.59 8.28
C PRO C 72 3.79 9.95 8.46
N ALA C 73 3.29 10.69 9.46
CA ALA C 73 3.82 12.00 9.81
C ALA C 73 4.93 11.84 10.84
N THR C 74 6.04 12.53 10.61
CA THR C 74 7.18 12.44 11.51
C THR C 74 6.98 13.33 12.74
N VAL C 75 7.35 12.80 13.90
CA VAL C 75 7.26 13.51 15.16
C VAL C 75 8.63 13.45 15.83
N GLY C 76 9.15 14.62 16.21
CA GLY C 76 10.44 14.66 16.89
C GLY C 76 10.36 14.13 18.30
N LEU C 77 11.50 13.64 18.79
CA LEU C 77 11.58 13.12 20.15
C LEU C 77 12.97 13.40 20.71
N ALA C 78 13.00 13.72 22.01
CA ALA C 78 14.24 13.90 22.74
C ALA C 78 13.98 13.49 24.18
N PHE C 79 15.04 13.07 24.87
CA PHE C 79 14.93 12.49 26.21
C PHE C 79 15.73 13.32 27.21
N ARG C 80 15.21 13.41 28.44
CA ARG C 80 15.84 14.15 29.52
C ARG C 80 16.72 13.18 30.30
N ALA C 81 18.04 13.24 30.05
CA ALA C 81 19.00 12.41 30.73
C ALA C 81 19.64 13.20 31.87
N ASP C 82 19.61 12.63 33.07
CA ASP C 82 20.17 13.28 34.26
C ASP C 82 19.56 14.66 34.48
N ASP C 83 18.25 14.76 34.25
CA ASP C 83 17.51 16.01 34.46
C ASP C 83 18.01 17.12 33.54
N THR C 84 18.23 16.77 32.27
CA THR C 84 18.67 17.74 31.26
C THR C 84 18.14 17.29 29.91
N PHE C 85 17.21 18.04 29.35
CA PHE C 85 16.58 17.65 28.10
C PHE C 85 17.58 17.72 26.94
N GLU C 86 17.54 16.70 26.09
CA GLU C 86 18.39 16.65 24.90
C GLU C 86 17.85 17.60 23.84
N ALA C 87 18.76 18.07 22.98
CA ALA C 87 18.37 18.89 21.85
C ALA C 87 17.93 18.01 20.68
N LEU C 88 16.97 18.51 19.92
CA LEU C 88 16.46 17.78 18.76
C LEU C 88 17.61 17.34 17.87
N CYS C 89 17.73 16.03 17.65
CA CYS C 89 18.73 15.49 16.74
C CYS C 89 18.15 14.22 16.12
N ILE C 90 17.58 14.36 14.93
CA ILE C 90 17.02 13.24 14.18
C ILE C 90 17.99 12.91 13.05
N GLU C 91 18.48 11.68 13.04
CA GLU C 91 19.42 11.27 12.00
C GLU C 91 18.69 11.18 10.66
N PRO C 92 19.17 11.85 9.61
CA PRO C 92 18.49 11.75 8.31
C PRO C 92 18.70 10.40 7.67
N PHE C 93 17.65 9.89 7.03
CA PHE C 93 17.76 8.64 6.30
C PHE C 93 18.76 8.80 5.15
N SER C 94 19.26 7.67 4.66
CA SER C 94 20.20 7.69 3.56
C SER C 94 19.58 8.34 2.34
N SER C 95 20.38 9.10 1.61
CA SER C 95 19.89 9.71 0.38
C SER C 95 19.86 8.68 -0.74
N PRO C 96 18.81 8.66 -1.56
CA PRO C 96 18.77 7.72 -2.68
C PRO C 96 19.75 8.11 -3.76
N PRO C 97 20.15 7.17 -4.62
CA PRO C 97 21.12 7.50 -5.68
C PRO C 97 20.48 8.31 -6.79
N GLU C 98 21.33 8.77 -7.71
CA GLU C 98 20.86 9.53 -8.85
C GLU C 98 19.98 8.65 -9.73
N LEU C 99 19.05 9.30 -10.44
CA LEU C 99 18.13 8.56 -11.30
C LEU C 99 18.83 8.14 -12.59
N PRO C 100 18.78 6.86 -12.96
CA PRO C 100 19.39 6.44 -14.23
C PRO C 100 18.75 7.15 -15.42
N ASP C 101 19.56 7.34 -16.46
CA ASP C 101 19.07 8.04 -17.65
C ASP C 101 17.82 7.36 -18.21
N VAL C 102 17.75 6.02 -18.14
CA VAL C 102 16.60 5.29 -18.62
C VAL C 102 15.32 5.68 -17.89
N MET C 103 15.41 6.40 -16.78
CA MET C 103 14.23 6.92 -16.09
C MET C 103 14.04 8.41 -16.38
#